data_2D19
#
_entry.id   2D19
#
_entity_poly.entity_id   1
_entity_poly.type   'polyribonucleotide'
_entity_poly.pdbx_seq_one_letter_code
;GCUGAAGUGCACACGGC
;
_entity_poly.pdbx_strand_id   A,B
#
loop_
_chem_comp.id
_chem_comp.type
_chem_comp.name
_chem_comp.formula
A RNA linking ADENOSINE-5'-MONOPHOSPHATE 'C10 H14 N5 O7 P'
C RNA linking CYTIDINE-5'-MONOPHOSPHATE 'C9 H14 N3 O8 P'
G RNA linking GUANOSINE-5'-MONOPHOSPHATE 'C10 H14 N5 O8 P'
U RNA linking URIDINE-5'-MONOPHOSPHATE 'C9 H13 N2 O9 P'
#